data_8E2J
#
_entry.id   8E2J
#
_cell.length_a   1.00
_cell.length_b   1.00
_cell.length_c   1.00
_cell.angle_alpha   90.00
_cell.angle_beta   90.00
_cell.angle_gamma   90.00
#
_symmetry.space_group_name_H-M   'P 1'
#
loop_
_entity.id
_entity.type
_entity.pdbx_description
1 polymer 'Diablo IAP-binding mitochondrial protein'
2 polymer 'Baculoviral IAP repeat-containing protein 6'
#
loop_
_entity_poly.entity_id
_entity_poly.type
_entity_poly.pdbx_seq_one_letter_code
_entity_poly.pdbx_strand_id
1 'polypeptide(L)'
;MAVPIAQKSEPHSLSSEALMRRAVSLVTDSTSTFLSQTTYALIEAITEYTKAVYTLTSLYRQYTSLLGKMNSEEEDEVWQ
VIIGARAEMTSKHQEYLKLETTWMTAVGLSEMAAEAAYQTGADQASITARNHIQLVKLQVEEVHQLSRKAETKLAEAQIE
ELRQKTQEEGEERAESEQEAYLREDHHHHHHHHH
;
A,B
2 'polypeptide(L)'
;(UNK)(UNK)(UNK)(UNK)(UNK)(UNK)(UNK)(UNK)(UNK)(UNK)(UNK)(UNK)(UNK)(UNK)(UNK)(UNK)
(UNK)(UNK)(UNK)(UNK)(UNK)(UNK)(UNK)(UNK)(UNK)(UNK)(UNK)(UNK)(UNK)(UNK)(UNK)(UNK)
(UNK)(UNK)(UNK)(UNK)(UNK)(UNK)(UNK)(UNK)(UNK)(UNK)(UNK)(UNK)(UNK)(UNK)(UNK)(UNK)
(UNK)(UNK)(UNK)(UNK)(UNK)(UNK)(UNK)(UNK)(UNK)
;
C,D
#
# COMPACT_ATOMS: atom_id res chain seq x y z
N SER A 13 -16.33 -2.18 18.04
CA SER A 13 -15.79 -3.53 18.09
C SER A 13 -14.31 -3.52 18.48
N LEU A 14 -14.07 -3.79 19.77
CA LEU A 14 -12.72 -3.70 20.31
C LEU A 14 -11.76 -4.60 19.54
N SER A 15 -12.10 -5.88 19.41
CA SER A 15 -11.22 -6.82 18.73
C SER A 15 -11.00 -6.39 17.28
N SER A 16 -12.06 -5.96 16.60
CA SER A 16 -11.93 -5.61 15.19
C SER A 16 -10.91 -4.49 14.97
N GLU A 17 -11.03 -3.40 15.73
CA GLU A 17 -10.09 -2.30 15.58
C GLU A 17 -8.70 -2.67 16.06
N ALA A 18 -8.60 -3.43 17.15
CA ALA A 18 -7.30 -3.85 17.66
C ALA A 18 -6.56 -4.68 16.62
N LEU A 19 -7.24 -5.68 16.08
CA LEU A 19 -6.63 -6.52 15.05
C LEU A 19 -6.36 -5.72 13.79
N MET A 20 -7.25 -4.83 13.38
CA MET A 20 -7.00 -4.09 12.15
C MET A 20 -5.78 -3.19 12.28
N ARG A 21 -5.62 -2.53 13.43
CA ARG A 21 -4.38 -1.81 13.72
C ARG A 21 -3.16 -2.75 13.64
N ARG A 22 -3.26 -3.91 14.27
CA ARG A 22 -2.16 -4.87 14.19
C ARG A 22 -1.89 -5.29 12.75
N ALA A 23 -2.94 -5.54 11.97
CA ALA A 23 -2.76 -5.88 10.56
C ALA A 23 -2.07 -4.76 9.80
N VAL A 24 -2.42 -3.50 10.11
CA VAL A 24 -1.70 -2.40 9.49
C VAL A 24 -0.25 -2.38 9.94
N SER A 25 0.02 -2.87 11.14
CA SER A 25 1.41 -3.10 11.52
C SER A 25 2.05 -4.18 10.66
N LEU A 26 1.26 -5.17 10.24
CA LEU A 26 1.76 -6.17 9.29
C LEU A 26 2.06 -5.54 7.94
N VAL A 27 1.16 -4.70 7.45
CA VAL A 27 1.43 -3.98 6.20
C VAL A 27 2.67 -3.13 6.35
N THR A 28 2.84 -2.49 7.50
CA THR A 28 4.00 -1.64 7.72
C THR A 28 5.29 -2.45 7.75
N ASP A 29 5.29 -3.58 8.45
CA ASP A 29 6.52 -4.35 8.60
C ASP A 29 6.83 -5.16 7.34
N SER A 30 5.82 -5.64 6.63
CA SER A 30 6.02 -6.25 5.33
C SER A 30 6.56 -5.24 4.33
N THR A 31 5.90 -4.08 4.23
CA THR A 31 6.37 -3.01 3.36
C THR A 31 7.72 -2.49 3.80
N SER A 32 8.06 -2.60 5.08
CA SER A 32 9.38 -2.20 5.55
C SER A 32 10.43 -3.20 5.09
N THR A 33 10.15 -4.48 5.25
CA THR A 33 11.12 -5.49 4.81
C THR A 33 11.31 -5.42 3.30
N PHE A 34 10.21 -5.41 2.56
CA PHE A 34 10.24 -5.14 1.12
C PHE A 34 11.05 -3.88 0.80
N LEU A 35 10.70 -2.74 1.40
CA LEU A 35 11.42 -1.51 1.15
C LEU A 35 12.89 -1.64 1.51
N SER A 36 13.22 -2.47 2.49
CA SER A 36 14.60 -2.72 2.85
C SER A 36 15.33 -3.49 1.76
N GLN A 37 14.73 -4.58 1.30
CA GLN A 37 15.28 -5.31 0.16
C GLN A 37 15.39 -4.42 -1.06
N THR A 38 14.41 -3.54 -1.25
CA THR A 38 14.43 -2.62 -2.39
C THR A 38 15.53 -1.60 -2.25
N THR A 39 15.73 -1.10 -1.04
CA THR A 39 16.84 -0.20 -0.74
C THR A 39 18.17 -0.90 -0.92
N TYR A 40 18.22 -2.17 -0.56
CA TYR A 40 19.47 -2.93 -0.67
C TYR A 40 19.80 -3.22 -2.13
N ALA A 41 18.83 -3.68 -2.91
CA ALA A 41 19.03 -3.83 -4.35
C ALA A 41 19.37 -2.49 -5.00
N LEU A 42 18.67 -1.42 -4.63
CA LEU A 42 18.98 -0.10 -5.14
C LEU A 42 20.40 0.31 -4.80
N ILE A 43 20.79 0.17 -3.54
CA ILE A 43 22.15 0.50 -3.12
C ILE A 43 23.17 -0.38 -3.82
N GLU A 44 22.86 -1.67 -3.99
CA GLU A 44 23.76 -2.58 -4.69
C GLU A 44 24.00 -2.09 -6.12
N ALA A 45 22.93 -1.83 -6.87
CA ALA A 45 23.08 -1.41 -8.25
C ALA A 45 23.61 0.02 -8.37
N ILE A 46 23.27 0.88 -7.41
CA ILE A 46 23.94 2.17 -7.29
C ILE A 46 25.43 2.00 -7.06
N THR A 47 25.81 1.00 -6.27
CA THR A 47 27.21 0.76 -5.97
C THR A 47 27.92 0.28 -7.22
N GLU A 48 27.33 -0.67 -7.92
CA GLU A 48 27.87 -1.14 -9.20
C GLU A 48 28.00 0.01 -10.19
N TYR A 49 26.99 0.88 -10.25
CA TYR A 49 27.08 2.10 -11.06
C TYR A 49 28.25 2.97 -10.61
N THR A 50 28.35 3.24 -9.31
CA THR A 50 29.45 4.05 -8.78
C THR A 50 30.79 3.47 -9.19
N LYS A 51 30.98 2.17 -8.95
CA LYS A 51 32.17 1.45 -9.38
C LYS A 51 32.43 1.64 -10.87
N ALA A 52 31.42 1.39 -11.70
CA ALA A 52 31.59 1.53 -13.13
C ALA A 52 31.94 2.96 -13.51
N VAL A 53 31.33 3.94 -12.85
CA VAL A 53 31.63 5.35 -13.09
C VAL A 53 33.09 5.67 -12.78
N TYR A 54 33.56 5.27 -11.60
CA TYR A 54 34.96 5.46 -11.24
C TYR A 54 35.89 4.69 -12.19
N THR A 55 35.46 3.50 -12.60
CA THR A 55 36.23 2.73 -13.58
C THR A 55 36.33 3.50 -14.90
N LEU A 56 35.20 3.95 -15.42
CA LEU A 56 35.18 4.73 -16.65
C LEU A 56 36.02 5.99 -16.51
N THR A 57 36.00 6.62 -15.33
CA THR A 57 36.88 7.75 -15.06
C THR A 57 38.35 7.36 -15.24
N SER A 58 38.77 6.28 -14.61
CA SER A 58 40.14 5.81 -14.80
C SER A 58 40.42 5.44 -16.24
N LEU A 59 39.43 4.85 -16.93
CA LEU A 59 39.59 4.49 -18.32
C LEU A 59 39.69 5.72 -19.22
N TYR A 60 39.00 6.79 -18.85
CA TYR A 60 39.17 8.07 -19.52
C TYR A 60 40.58 8.60 -19.33
N ARG A 61 41.11 8.50 -18.11
CA ARG A 61 42.49 8.90 -17.87
C ARG A 61 43.45 8.08 -18.72
N GLN A 62 43.26 6.76 -18.73
CA GLN A 62 44.05 5.87 -19.59
C GLN A 62 43.98 6.29 -21.06
N TYR A 63 42.77 6.38 -21.59
CA TYR A 63 42.60 6.74 -23.00
C TYR A 63 43.20 8.11 -23.31
N THR A 64 43.03 9.07 -22.39
CA THR A 64 43.63 10.38 -22.57
C THR A 64 45.15 10.26 -22.67
N SER A 65 45.74 9.35 -21.91
CA SER A 65 47.17 9.15 -22.01
C SER A 65 47.58 8.62 -23.38
N LEU A 66 46.62 8.12 -24.16
CA LEU A 66 46.87 7.51 -25.46
C LEU A 66 46.48 8.43 -26.61
N LEU A 67 46.20 9.70 -26.32
CA LEU A 67 45.84 10.67 -27.34
C LEU A 67 47.03 11.02 -28.23
N GLY A 68 46.72 11.48 -29.43
CA GLY A 68 47.67 11.52 -30.52
C GLY A 68 47.81 10.17 -31.20
N LYS A 69 48.21 10.20 -32.47
CA LYS A 69 48.33 8.99 -33.29
C LYS A 69 49.38 8.05 -32.71
N MET A 70 48.92 6.91 -32.20
CA MET A 70 49.79 5.95 -31.53
C MET A 70 49.20 4.56 -31.73
N ASN A 71 49.72 3.59 -30.98
CA ASN A 71 49.25 2.21 -31.10
C ASN A 71 47.74 2.12 -30.92
N SER A 72 47.03 1.85 -32.02
CA SER A 72 45.62 1.49 -31.91
C SER A 72 45.42 0.24 -31.07
N GLU A 73 46.40 -0.68 -31.08
CA GLU A 73 46.36 -1.83 -30.20
C GLU A 73 46.41 -1.43 -28.74
N GLU A 74 46.77 -0.18 -28.45
CA GLU A 74 46.50 0.44 -27.17
C GLU A 74 45.26 1.33 -27.23
N GLU A 75 45.30 2.38 -28.06
CA GLU A 75 44.29 3.43 -27.99
C GLU A 75 42.90 2.87 -28.27
N ASP A 76 42.71 2.25 -29.43
CA ASP A 76 41.39 1.75 -29.81
C ASP A 76 40.98 0.47 -29.09
N GLU A 77 41.92 -0.29 -28.55
CA GLU A 77 41.54 -1.40 -27.66
C GLU A 77 41.07 -0.90 -26.31
N VAL A 78 41.72 0.11 -25.76
CA VAL A 78 41.20 0.81 -24.58
C VAL A 78 39.84 1.41 -24.88
N TRP A 79 39.67 1.99 -26.06
CA TRP A 79 38.34 2.46 -26.47
C TRP A 79 37.31 1.34 -26.52
N GLN A 80 37.68 0.17 -27.05
CA GLN A 80 36.78 -0.98 -27.07
C GLN A 80 36.37 -1.41 -25.66
N VAL A 81 37.35 -1.48 -24.76
CA VAL A 81 37.05 -1.79 -23.37
C VAL A 81 36.16 -0.70 -22.76
N ILE A 82 36.42 0.56 -23.10
CA ILE A 82 35.52 1.63 -22.68
C ILE A 82 34.11 1.39 -23.18
N ILE A 83 33.96 0.85 -24.39
CA ILE A 83 32.61 0.52 -24.88
C ILE A 83 31.96 -0.54 -24.01
N GLY A 84 32.73 -1.58 -23.68
CA GLY A 84 32.23 -2.59 -22.76
C GLY A 84 31.82 -2.02 -21.41
N ALA A 85 32.68 -1.18 -20.86
CA ALA A 85 32.38 -0.50 -19.59
C ALA A 85 31.12 0.36 -19.70
N ARG A 86 31.00 1.13 -20.77
CA ARG A 86 29.81 1.96 -20.96
C ARG A 86 28.55 1.11 -21.03
N ALA A 87 28.58 0.03 -21.81
CA ALA A 87 27.40 -0.84 -21.88
C ALA A 87 27.06 -1.42 -20.52
N GLU A 88 28.06 -1.95 -19.81
CA GLU A 88 27.83 -2.48 -18.47
C GLU A 88 27.22 -1.42 -17.55
N MET A 89 27.87 -0.24 -17.49
CA MET A 89 27.39 0.84 -16.64
C MET A 89 25.97 1.23 -17.00
N THR A 90 25.67 1.35 -18.29
CA THR A 90 24.39 1.88 -18.73
C THR A 90 23.28 0.87 -18.44
N SER A 91 23.52 -0.40 -18.76
CA SER A 91 22.54 -1.43 -18.44
C SER A 91 22.28 -1.53 -16.94
N LYS A 92 23.34 -1.46 -16.13
CA LYS A 92 23.16 -1.45 -14.67
C LYS A 92 22.45 -0.18 -14.21
N HIS A 93 22.75 0.96 -14.82
CA HIS A 93 22.02 2.19 -14.53
C HIS A 93 20.52 2.05 -14.80
N GLN A 94 20.18 1.53 -15.98
CA GLN A 94 18.78 1.26 -16.30
C GLN A 94 18.15 0.26 -15.35
N GLU A 95 18.90 -0.76 -14.91
CA GLU A 95 18.36 -1.70 -13.96
C GLU A 95 18.16 -1.11 -12.57
N TYR A 96 19.11 -0.33 -12.06
CA TYR A 96 18.86 0.37 -10.80
C TYR A 96 17.75 1.40 -10.93
N LEU A 97 17.55 1.97 -12.11
CA LEU A 97 16.39 2.85 -12.29
C LEU A 97 15.08 2.06 -12.30
N LYS A 98 15.09 0.87 -12.88
CA LYS A 98 13.92 -0.01 -12.78
C LYS A 98 13.62 -0.32 -11.32
N LEU A 99 14.67 -0.71 -10.59
CA LEU A 99 14.56 -0.92 -9.15
C LEU A 99 14.10 0.33 -8.44
N GLU A 100 14.61 1.50 -8.81
CA GLU A 100 14.28 2.74 -8.13
C GLU A 100 12.85 3.17 -8.41
N THR A 101 12.34 2.86 -9.60
CA THR A 101 10.91 3.04 -9.88
C THR A 101 10.07 2.16 -8.96
N THR A 102 10.44 0.89 -8.85
CA THR A 102 9.78 0.05 -7.87
C THR A 102 10.00 0.59 -6.46
N TRP A 103 11.17 1.18 -6.20
CA TRP A 103 11.50 1.71 -4.88
C TRP A 103 10.61 2.88 -4.50
N MET A 104 10.37 3.78 -5.46
CA MET A 104 9.38 4.84 -5.26
C MET A 104 7.98 4.28 -5.09
N THR A 105 7.67 3.18 -5.76
CA THR A 105 6.42 2.50 -5.47
C THR A 105 6.41 1.94 -4.05
N ALA A 106 7.55 1.47 -3.58
CA ALA A 106 7.68 0.89 -2.25
C ALA A 106 7.54 1.96 -1.17
N VAL A 107 8.29 3.05 -1.29
CA VAL A 107 8.13 4.22 -0.45
C VAL A 107 6.68 4.69 -0.45
N GLY A 108 6.06 4.80 -1.63
CA GLY A 108 4.66 5.16 -1.69
C GLY A 108 3.75 4.21 -0.95
N LEU A 109 4.02 2.91 -1.06
CA LEU A 109 3.29 1.91 -0.30
C LEU A 109 3.48 2.06 1.19
N SER A 110 4.72 2.25 1.63
CA SER A 110 4.99 2.45 3.06
C SER A 110 4.30 3.71 3.58
N GLU A 111 4.32 4.79 2.81
CA GLU A 111 3.63 6.01 3.20
C GLU A 111 2.12 5.84 3.25
N MET A 112 1.55 5.16 2.26
CA MET A 112 0.12 4.85 2.28
C MET A 112 -0.24 3.93 3.43
N ALA A 113 0.62 2.98 3.76
CA ALA A 113 0.43 2.14 4.93
C ALA A 113 0.48 2.96 6.22
N ALA A 114 1.42 3.89 6.32
CA ALA A 114 1.48 4.77 7.48
C ALA A 114 0.21 5.61 7.61
N GLU A 115 -0.36 6.04 6.48
CA GLU A 115 -1.63 6.76 6.52
C GLU A 115 -2.78 5.85 6.93
N ALA A 116 -2.78 4.60 6.47
CA ALA A 116 -3.74 3.63 6.98
C ALA A 116 -3.57 3.40 8.47
N ALA A 117 -2.33 3.34 8.94
CA ALA A 117 -2.05 3.17 10.37
C ALA A 117 -2.58 4.33 11.19
N TYR A 118 -2.37 5.56 10.72
CA TYR A 118 -3.03 6.70 11.34
C TYR A 118 -4.54 6.54 11.33
N GLN A 119 -5.12 6.30 10.16
CA GLN A 119 -6.57 6.29 10.06
C GLN A 119 -7.17 5.24 10.99
N THR A 120 -6.46 4.14 11.19
CA THR A 120 -6.88 3.12 12.15
C THR A 120 -6.49 3.49 13.57
N GLY A 121 -5.39 4.23 13.75
CA GLY A 121 -4.90 4.58 15.06
C GLY A 121 -3.68 3.82 15.51
N ALA A 122 -3.07 3.02 14.63
CA ALA A 122 -1.78 2.40 14.92
C ALA A 122 -0.66 3.42 14.78
N ASP A 123 -0.81 4.57 15.44
CA ASP A 123 0.15 5.66 15.26
C ASP A 123 1.55 5.22 15.63
N GLN A 124 1.71 4.25 16.53
CA GLN A 124 3.04 3.72 16.80
C GLN A 124 3.62 3.09 15.54
N ALA A 125 2.80 2.34 14.81
CA ALA A 125 3.22 1.81 13.51
C ALA A 125 3.38 2.91 12.49
N SER A 126 2.48 3.90 12.48
CA SER A 126 2.62 5.01 11.54
C SER A 126 3.94 5.74 11.74
N ILE A 127 4.32 5.96 12.99
CA ILE A 127 5.57 6.61 13.33
C ILE A 127 6.75 5.74 12.93
N THR A 128 6.72 4.46 13.29
CA THR A 128 7.83 3.57 12.95
C THR A 128 8.00 3.46 11.43
N ALA A 129 6.89 3.38 10.70
CA ALA A 129 6.91 3.47 9.25
C ALA A 129 7.57 4.75 8.77
N ARG A 130 7.07 5.90 9.24
CA ARG A 130 7.63 7.19 8.83
C ARG A 130 9.13 7.28 9.12
N ASN A 131 9.55 6.81 10.29
CA ASN A 131 10.97 6.72 10.60
C ASN A 131 11.71 5.85 9.60
N HIS A 132 11.20 4.66 9.33
CA HIS A 132 11.87 3.75 8.41
C HIS A 132 11.97 4.38 7.03
N ILE A 133 10.88 4.97 6.57
CA ILE A 133 10.83 5.70 5.31
C ILE A 133 11.91 6.78 5.27
N GLN A 134 12.01 7.56 6.33
CA GLN A 134 13.02 8.62 6.37
C GLN A 134 14.42 8.06 6.38
N LEU A 135 14.69 7.04 7.20
CA LEU A 135 16.01 6.42 7.24
C LEU A 135 16.41 5.90 5.87
N VAL A 136 15.49 5.21 5.19
CA VAL A 136 15.73 4.72 3.85
C VAL A 136 16.00 5.86 2.88
N LYS A 137 15.10 6.84 2.85
CA LYS A 137 15.25 7.97 1.94
C LYS A 137 16.55 8.72 2.18
N LEU A 138 16.92 8.94 3.44
CA LEU A 138 18.21 9.52 3.77
C LEU A 138 19.36 8.69 3.23
N GLN A 139 19.38 7.39 3.54
CA GLN A 139 20.47 6.53 3.06
C GLN A 139 20.55 6.52 1.54
N VAL A 140 19.39 6.53 0.88
CA VAL A 140 19.32 6.59 -0.58
C VAL A 140 19.87 7.91 -1.09
N GLU A 141 19.44 9.03 -0.52
CA GLU A 141 19.98 10.33 -0.88
C GLU A 141 21.48 10.42 -0.61
N GLU A 142 21.97 9.73 0.40
CA GLU A 142 23.41 9.69 0.68
C GLU A 142 24.18 8.93 -0.39
N VAL A 143 23.71 7.74 -0.75
CA VAL A 143 24.35 7.03 -1.86
C VAL A 143 24.13 7.78 -3.18
N HIS A 144 23.04 8.54 -3.29
CA HIS A 144 22.87 9.47 -4.40
C HIS A 144 23.92 10.57 -4.39
N GLN A 145 24.29 11.06 -3.21
CA GLN A 145 25.39 12.01 -3.10
C GLN A 145 26.69 11.38 -3.58
N LEU A 146 26.94 10.13 -3.19
CA LEU A 146 28.08 9.41 -3.74
C LEU A 146 27.98 9.31 -5.26
N SER A 147 26.78 9.04 -5.77
CA SER A 147 26.56 8.95 -7.21
C SER A 147 26.92 10.26 -7.89
N ARG A 148 26.40 11.38 -7.38
CA ARG A 148 26.72 12.69 -7.91
C ARG A 148 28.21 12.98 -7.86
N LYS A 149 28.87 12.59 -6.77
CA LYS A 149 30.33 12.74 -6.70
C LYS A 149 31.01 11.97 -7.83
N ALA A 150 30.69 10.68 -7.97
CA ALA A 150 31.28 9.87 -9.02
C ALA A 150 31.00 10.45 -10.40
N GLU A 151 29.76 10.86 -10.64
CA GLU A 151 29.36 11.44 -11.92
C GLU A 151 30.10 12.74 -12.21
N THR A 152 30.29 13.57 -11.18
CA THR A 152 31.08 14.78 -11.33
C THR A 152 32.53 14.48 -11.65
N LYS A 153 33.11 13.46 -11.01
CA LYS A 153 34.50 13.11 -11.29
C LYS A 153 34.65 12.50 -12.68
N LEU A 154 33.67 11.72 -13.11
CA LEU A 154 33.60 11.27 -14.50
C LEU A 154 33.50 12.44 -15.47
N ALA A 155 32.62 13.39 -15.19
CA ALA A 155 32.52 14.59 -16.02
C ALA A 155 33.83 15.37 -16.07
N GLU A 156 34.52 15.48 -14.93
CA GLU A 156 35.86 16.07 -14.91
C GLU A 156 36.85 15.31 -15.79
N ALA A 157 36.82 13.98 -15.76
CA ALA A 157 37.69 13.21 -16.64
C ALA A 157 37.31 13.34 -18.11
N GLN A 158 36.01 13.46 -18.39
CA GLN A 158 35.56 13.81 -19.73
C GLN A 158 36.08 15.17 -20.15
N ILE A 159 36.05 16.15 -19.25
CA ILE A 159 36.52 17.49 -19.56
C ILE A 159 38.02 17.52 -19.82
N GLU A 160 38.80 16.80 -19.00
CA GLU A 160 40.22 16.64 -19.27
C GLU A 160 40.47 15.96 -20.62
N GLU A 161 39.75 14.89 -20.90
CA GLU A 161 39.87 14.22 -22.19
C GLU A 161 39.53 15.14 -23.35
N LEU A 162 38.49 15.96 -23.19
CA LEU A 162 38.16 16.98 -24.18
C LEU A 162 39.31 17.97 -24.36
N ARG A 163 39.82 18.52 -23.26
CA ARG A 163 40.91 19.48 -23.35
C ARG A 163 42.09 18.90 -24.12
N GLN A 164 42.53 17.70 -23.74
CA GLN A 164 43.69 17.10 -24.41
C GLN A 164 43.36 16.76 -25.86
N LYS A 165 42.31 15.98 -26.08
CA LYS A 165 41.97 15.55 -27.43
C LYS A 165 41.87 16.77 -28.35
N THR A 166 41.00 17.73 -27.99
CA THR A 166 40.80 18.90 -28.83
C THR A 166 42.10 19.65 -29.06
N GLN A 167 42.94 19.78 -28.02
CA GLN A 167 44.23 20.44 -28.20
C GLN A 167 44.99 19.78 -29.33
N GLU A 168 45.24 18.48 -29.20
CA GLU A 168 45.96 17.73 -30.22
C GLU A 168 45.28 17.91 -31.58
N GLU A 169 43.96 17.78 -31.61
CA GLU A 169 43.19 17.91 -32.85
C GLU A 169 43.53 19.22 -33.55
N GLY A 170 43.34 20.34 -32.86
CA GLY A 170 43.60 21.63 -33.47
C GLY A 170 45.04 21.78 -33.91
N GLU A 171 45.97 21.28 -33.10
CA GLU A 171 47.38 21.33 -33.49
C GLU A 171 47.58 20.61 -34.81
N GLU A 172 47.11 19.36 -34.89
CA GLU A 172 47.25 18.59 -36.10
C GLU A 172 46.59 19.30 -37.27
N ARG A 173 45.42 19.89 -37.05
CA ARG A 173 44.72 20.59 -38.13
C ARG A 173 45.60 21.71 -38.68
N ALA A 174 46.10 22.55 -37.78
CA ALA A 174 47.03 23.61 -38.18
C ALA A 174 48.15 23.07 -39.04
N GLU A 175 48.84 22.03 -38.53
CA GLU A 175 49.90 21.39 -39.30
C GLU A 175 49.42 20.88 -40.66
N SER A 176 48.20 20.37 -40.72
CA SER A 176 47.64 19.89 -41.98
C SER A 176 47.40 21.02 -42.97
N GLU A 177 46.96 22.18 -42.49
CA GLU A 177 46.88 23.37 -43.33
C GLU A 177 48.26 23.78 -43.84
N GLN A 178 49.25 23.77 -42.95
CA GLN A 178 50.62 24.11 -43.36
C GLN A 178 51.16 23.13 -44.39
N GLU A 179 50.87 21.84 -44.23
CA GLU A 179 51.31 20.83 -45.21
C GLU A 179 50.54 20.91 -46.53
N ALA A 180 49.26 21.26 -46.49
CA ALA A 180 48.53 21.48 -47.73
C ALA A 180 49.03 22.72 -48.46
N TYR A 181 49.50 23.73 -47.74
CA TYR A 181 50.04 24.92 -48.36
C TYR A 181 51.37 24.68 -49.06
N LEU A 182 52.00 23.52 -48.82
CA LEU A 182 53.31 23.23 -49.41
C LEU A 182 53.28 23.02 -50.91
N ARG A 183 52.13 22.78 -51.51
CA ARG A 183 52.06 22.26 -52.86
C ARG A 183 51.13 23.10 -53.74
N GLU A 184 51.58 23.32 -54.98
CA GLU A 184 50.80 24.01 -56.01
C GLU A 184 50.46 25.48 -55.69
N ASP A 185 50.32 25.84 -54.42
CA ASP A 185 49.97 27.22 -54.08
C ASP A 185 51.18 28.13 -54.21
N SER B 13 20.66 -9.25 -11.77
CA SER B 13 20.68 -10.28 -10.74
C SER B 13 19.32 -10.97 -10.66
N LEU B 14 19.24 -12.17 -11.23
CA LEU B 14 18.00 -12.95 -11.21
C LEU B 14 17.64 -13.36 -9.78
N SER B 15 18.63 -13.76 -8.99
CA SER B 15 18.38 -14.10 -7.59
C SER B 15 17.82 -12.91 -6.82
N SER B 16 18.45 -11.74 -6.98
CA SER B 16 17.95 -10.53 -6.34
C SER B 16 16.51 -10.23 -6.73
N GLU B 17 16.20 -10.26 -8.03
CA GLU B 17 14.85 -9.96 -8.47
C GLU B 17 13.86 -11.04 -8.06
N ALA B 18 14.29 -12.29 -7.92
CA ALA B 18 13.40 -13.36 -7.49
C ALA B 18 13.06 -13.25 -6.00
N LEU B 19 14.08 -13.03 -5.17
CA LEU B 19 13.82 -12.75 -3.77
C LEU B 19 12.97 -11.49 -3.61
N MET B 20 13.27 -10.44 -4.37
CA MET B 20 12.39 -9.28 -4.43
C MET B 20 10.96 -9.63 -4.78
N ARG B 21 10.76 -10.43 -5.83
CA ARG B 21 9.42 -10.85 -6.22
C ARG B 21 8.71 -11.57 -5.09
N ARG B 22 9.41 -12.44 -4.36
CA ARG B 22 8.80 -13.07 -3.19
C ARG B 22 8.55 -12.08 -2.07
N ALA B 23 9.43 -11.11 -1.88
CA ALA B 23 9.21 -10.06 -0.90
C ALA B 23 7.96 -9.26 -1.22
N VAL B 24 7.82 -8.83 -2.46
CA VAL B 24 6.63 -8.13 -2.90
C VAL B 24 5.41 -9.03 -2.81
N SER B 25 5.57 -10.31 -3.09
CA SER B 25 4.50 -11.26 -2.81
C SER B 25 4.10 -11.23 -1.33
N LEU B 26 5.08 -11.06 -0.45
CA LEU B 26 4.80 -10.90 0.97
C LEU B 26 4.07 -9.60 1.26
N VAL B 27 4.51 -8.51 0.66
CA VAL B 27 3.80 -7.24 0.80
C VAL B 27 2.38 -7.36 0.27
N THR B 28 2.23 -8.09 -0.83
CA THR B 28 0.95 -8.20 -1.51
C THR B 28 -0.01 -9.09 -0.73
N ASP B 29 0.49 -10.14 -0.12
CA ASP B 29 -0.35 -11.02 0.69
C ASP B 29 -0.60 -10.47 2.09
N SER B 30 0.35 -9.73 2.66
CA SER B 30 0.09 -9.07 3.93
C SER B 30 -0.82 -7.86 3.78
N THR B 31 -0.67 -7.10 2.69
CA THR B 31 -1.65 -6.11 2.32
C THR B 31 -2.99 -6.73 1.97
N SER B 32 -3.00 -7.93 1.37
CA SER B 32 -4.24 -8.64 1.16
C SER B 32 -4.84 -9.10 2.47
N THR B 33 -4.00 -9.38 3.46
CA THR B 33 -4.49 -9.69 4.80
C THR B 33 -5.13 -8.47 5.42
N PHE B 34 -4.41 -7.34 5.42
CA PHE B 34 -4.97 -6.10 5.92
C PHE B 34 -6.24 -5.71 5.17
N LEU B 35 -6.25 -5.83 3.85
CA LEU B 35 -7.46 -5.60 3.07
C LEU B 35 -8.59 -6.54 3.46
N SER B 36 -8.29 -7.82 3.70
CA SER B 36 -9.29 -8.75 4.19
C SER B 36 -9.82 -8.31 5.55
N GLN B 37 -8.91 -7.97 6.46
CA GLN B 37 -9.29 -7.54 7.79
C GLN B 37 -10.17 -6.31 7.73
N THR B 38 -9.76 -5.33 6.93
CA THR B 38 -10.51 -4.11 6.74
C THR B 38 -11.83 -4.36 6.04
N THR B 39 -11.87 -5.31 5.13
CA THR B 39 -13.12 -5.70 4.48
C THR B 39 -14.06 -6.34 5.47
N TYR B 40 -13.53 -7.19 6.35
CA TYR B 40 -14.37 -7.83 7.37
C TYR B 40 -14.88 -6.82 8.37
N ALA B 41 -13.99 -5.97 8.89
CA ALA B 41 -14.43 -4.85 9.72
C ALA B 41 -15.46 -3.97 9.01
N LEU B 42 -15.22 -3.66 7.74
CA LEU B 42 -16.19 -2.89 6.95
C LEU B 42 -17.52 -3.63 6.85
N ILE B 43 -17.47 -4.93 6.56
CA ILE B 43 -18.68 -5.73 6.43
C ILE B 43 -19.42 -5.77 7.74
N GLU B 44 -18.70 -5.96 8.84
CA GLU B 44 -19.29 -5.87 10.18
C GLU B 44 -19.99 -4.54 10.38
N ALA B 45 -19.27 -3.44 10.15
CA ALA B 45 -19.83 -2.11 10.39
C ALA B 45 -21.02 -1.83 9.47
N ILE B 46 -20.89 -2.19 8.19
CA ILE B 46 -22.00 -2.17 7.25
C ILE B 46 -23.17 -2.98 7.76
N THR B 47 -22.91 -4.16 8.31
CA THR B 47 -23.98 -5.02 8.79
C THR B 47 -24.69 -4.39 9.98
N GLU B 48 -23.93 -3.91 10.96
CA GLU B 48 -24.54 -3.30 12.13
C GLU B 48 -25.27 -2.01 11.76
N TYR B 49 -24.69 -1.24 10.84
CA TYR B 49 -25.38 -0.11 10.25
C TYR B 49 -26.69 -0.53 9.61
N THR B 50 -26.64 -1.50 8.70
CA THR B 50 -27.84 -2.00 8.03
C THR B 50 -28.87 -2.52 9.02
N LYS B 51 -28.42 -3.17 10.09
CA LYS B 51 -29.31 -3.57 11.18
C LYS B 51 -29.98 -2.37 11.80
N ALA B 52 -29.22 -1.36 12.21
CA ALA B 52 -29.80 -0.16 12.77
C ALA B 52 -30.71 0.54 11.76
N VAL B 53 -30.37 0.48 10.48
CA VAL B 53 -31.21 1.04 9.43
C VAL B 53 -32.56 0.34 9.38
N TYR B 54 -32.56 -0.98 9.22
CA TYR B 54 -33.82 -1.72 9.22
C TYR B 54 -34.57 -1.55 10.53
N THR B 55 -33.84 -1.42 11.63
CA THR B 55 -34.44 -1.12 12.92
C THR B 55 -35.19 0.20 12.88
N LEU B 56 -34.49 1.27 12.51
CA LEU B 56 -35.11 2.58 12.42
C LEU B 56 -36.27 2.58 11.42
N THR B 57 -36.13 1.81 10.34
CA THR B 57 -37.22 1.66 9.39
C THR B 57 -38.47 1.10 10.05
N SER B 58 -38.34 -0.05 10.71
CA SER B 58 -39.47 -0.65 11.41
C SER B 58 -39.99 0.26 12.52
N LEU B 59 -39.08 0.95 13.21
CA LEU B 59 -39.49 1.89 14.26
C LEU B 59 -40.30 3.05 13.67
N TYR B 60 -39.89 3.57 12.53
CA TYR B 60 -40.69 4.57 11.84
C TYR B 60 -42.04 4.03 11.42
N ARG B 61 -42.10 2.79 10.95
CA ARG B 61 -43.38 2.18 10.60
C ARG B 61 -44.28 2.08 11.83
N GLN B 62 -43.74 1.58 12.93
CA GLN B 62 -44.47 1.52 14.20
C GLN B 62 -44.95 2.91 14.62
N TYR B 63 -44.06 3.89 14.61
CA TYR B 63 -44.43 5.25 14.97
C TYR B 63 -45.50 5.81 14.04
N THR B 64 -45.41 5.50 12.75
CA THR B 64 -46.46 5.87 11.82
C THR B 64 -47.79 5.26 12.24
N SER B 65 -47.76 4.04 12.77
CA SER B 65 -48.98 3.46 13.30
C SER B 65 -49.47 4.20 14.52
N LEU B 66 -48.60 4.95 15.20
CA LEU B 66 -48.95 5.70 16.40
C LEU B 66 -49.29 7.15 16.10
N LEU B 67 -49.35 7.54 14.83
CA LEU B 67 -49.66 8.92 14.48
C LEU B 67 -51.01 9.34 15.05
N GLY B 68 -51.10 10.64 15.36
CA GLY B 68 -52.23 11.17 16.07
C GLY B 68 -52.18 10.92 17.57
N LYS B 69 -53.22 11.40 18.24
CA LYS B 69 -53.35 11.35 19.69
C LYS B 69 -53.62 9.95 20.23
N MET B 70 -53.79 8.96 19.34
CA MET B 70 -54.26 7.64 19.76
C MET B 70 -53.56 7.13 21.01
N ASN B 71 -52.24 7.33 21.11
CA ASN B 71 -51.53 7.01 22.34
C ASN B 71 -50.29 7.89 22.47
N SER B 72 -50.49 9.17 22.80
CA SER B 72 -49.36 10.06 22.99
C SER B 72 -48.44 9.54 24.09
N GLU B 73 -49.02 9.03 25.18
CA GLU B 73 -48.26 8.37 26.24
C GLU B 73 -47.54 7.11 25.75
N GLU B 74 -47.70 6.79 24.46
CA GLU B 74 -46.89 5.81 23.78
C GLU B 74 -46.12 6.41 22.62
N GLU B 75 -46.78 7.23 21.79
CA GLU B 75 -46.12 7.87 20.67
C GLU B 75 -44.87 8.62 21.09
N ASP B 76 -44.94 9.40 22.18
CA ASP B 76 -43.78 10.12 22.69
C ASP B 76 -42.69 9.20 23.20
N GLU B 77 -43.03 7.99 23.63
CA GLU B 77 -42.01 7.07 24.13
C GLU B 77 -41.33 6.33 23.00
N VAL B 78 -42.09 5.93 21.99
CA VAL B 78 -41.51 5.39 20.77
C VAL B 78 -40.66 6.44 20.07
N TRP B 79 -41.12 7.69 20.09
CA TRP B 79 -40.29 8.81 19.64
C TRP B 79 -38.97 8.90 20.40
N GLN B 80 -39.02 8.84 21.73
CA GLN B 80 -37.80 8.84 22.53
C GLN B 80 -36.88 7.69 22.14
N VAL B 81 -37.43 6.48 21.99
CA VAL B 81 -36.65 5.34 21.54
C VAL B 81 -36.04 5.60 20.16
N ILE B 82 -36.83 6.20 19.26
CA ILE B 82 -36.34 6.57 17.95
C ILE B 82 -35.16 7.52 18.04
N ILE B 83 -35.12 8.37 19.06
CA ILE B 83 -33.95 9.25 19.20
C ILE B 83 -32.68 8.43 19.42
N GLY B 84 -32.75 7.44 20.32
CA GLY B 84 -31.62 6.56 20.52
C GLY B 84 -31.28 5.76 19.28
N ALA B 85 -32.30 5.31 18.55
CA ALA B 85 -32.07 4.60 17.30
C ALA B 85 -31.36 5.47 16.28
N ARG B 86 -31.83 6.71 16.12
CA ARG B 86 -31.17 7.66 15.24
C ARG B 86 -29.71 7.86 15.63
N ALA B 87 -29.45 8.07 16.92
CA ALA B 87 -28.08 8.26 17.38
C ALA B 87 -27.21 7.06 17.07
N GLU B 88 -27.67 5.87 17.44
CA GLU B 88 -26.90 4.66 17.13
C GLU B 88 -26.67 4.49 15.64
N MET B 89 -27.72 4.62 14.84
CA MET B 89 -27.59 4.44 13.40
C MET B 89 -26.62 5.45 12.81
N THR B 90 -26.71 6.71 13.23
CA THR B 90 -25.91 7.76 12.62
C THR B 90 -24.45 7.64 13.04
N SER B 91 -24.18 7.36 14.31
CA SER B 91 -22.83 7.09 14.75
C SER B 91 -22.25 5.86 14.07
N LYS B 92 -23.07 4.84 13.82
CA LYS B 92 -22.57 3.69 13.06
C LYS B 92 -22.36 4.01 11.59
N HIS B 93 -23.20 4.86 11.02
CA HIS B 93 -22.97 5.36 9.68
C HIS B 93 -21.62 6.05 9.58
N GLN B 94 -21.39 7.05 10.43
CA GLN B 94 -20.12 7.73 10.49
C GLN B 94 -18.96 6.76 10.72
N GLU B 95 -19.16 5.78 11.60
CA GLU B 95 -18.11 4.81 11.87
C GLU B 95 -17.78 3.99 10.63
N TYR B 96 -18.78 3.35 10.02
CA TYR B 96 -18.52 2.53 8.85
C TYR B 96 -18.05 3.37 7.66
N LEU B 97 -18.31 4.68 7.65
CA LEU B 97 -17.72 5.53 6.62
C LEU B 97 -16.24 5.81 6.91
N LYS B 98 -15.88 6.00 8.18
CA LYS B 98 -14.47 6.04 8.54
C LYS B 98 -13.78 4.73 8.17
N LEU B 99 -14.46 3.61 8.46
CA LEU B 99 -13.94 2.30 8.12
C LEU B 99 -13.82 2.14 6.61
N GLU B 100 -14.82 2.57 5.85
CA GLU B 100 -14.79 2.44 4.41
C GLU B 100 -13.72 3.33 3.78
N THR B 101 -13.48 4.50 4.37
CA THR B 101 -12.32 5.29 3.98
C THR B 101 -11.04 4.50 4.19
N THR B 102 -10.92 3.85 5.35
CA THR B 102 -9.77 2.99 5.59
C THR B 102 -9.71 1.81 4.64
N TRP B 103 -10.88 1.30 4.24
CA TRP B 103 -10.93 0.20 3.28
C TRP B 103 -10.45 0.65 1.91
N MET B 104 -10.90 1.80 1.45
CA MET B 104 -10.39 2.34 0.19
C MET B 104 -8.91 2.64 0.29
N THR B 105 -8.43 3.03 1.48
CA THR B 105 -7.00 3.11 1.72
C THR B 105 -6.31 1.77 1.54
N ALA B 106 -6.93 0.70 2.04
CA ALA B 106 -6.38 -0.64 1.89
C ALA B 106 -6.44 -1.13 0.45
N VAL B 107 -7.53 -0.82 -0.24
CA VAL B 107 -7.63 -1.12 -1.66
C VAL B 107 -6.53 -0.40 -2.43
N GLY B 108 -6.32 0.88 -2.16
CA GLY B 108 -5.23 1.60 -2.77
C GLY B 108 -3.88 0.97 -2.49
N LEU B 109 -3.67 0.52 -1.25
CA LEU B 109 -2.47 -0.23 -0.91
C LEU B 109 -2.32 -1.51 -1.74
N SER B 110 -3.38 -2.32 -1.79
CA SER B 110 -3.31 -3.56 -2.56
C SER B 110 -3.15 -3.31 -4.05
N GLU B 111 -3.67 -2.18 -4.55
CA GLU B 111 -3.50 -1.82 -5.95
C GLU B 111 -2.06 -1.40 -6.24
N MET B 112 -1.51 -0.52 -5.41
CA MET B 112 -0.10 -0.18 -5.52
C MET B 112 0.80 -1.39 -5.37
N ALA B 113 0.39 -2.36 -4.55
CA ALA B 113 1.16 -3.59 -4.40
C ALA B 113 1.05 -4.49 -5.62
N ALA B 114 -0.15 -4.61 -6.19
CA ALA B 114 -0.31 -5.34 -7.45
C ALA B 114 0.49 -4.70 -8.58
N GLU B 115 0.55 -3.36 -8.60
CA GLU B 115 1.35 -2.68 -9.60
C GLU B 115 2.84 -2.88 -9.38
N ALA B 116 3.31 -2.83 -8.13
CA ALA B 116 4.71 -3.16 -7.86
C ALA B 116 5.01 -4.62 -8.20
N ALA B 117 4.07 -5.52 -7.94
CA ALA B 117 4.22 -6.93 -8.31
C ALA B 117 4.35 -7.09 -9.81
N TYR B 118 3.55 -6.34 -10.58
CA TYR B 118 3.73 -6.34 -12.03
C TYR B 118 5.08 -5.75 -12.42
N GLN B 119 5.42 -4.58 -11.89
CA GLN B 119 6.68 -3.94 -12.22
C GLN B 119 7.86 -4.81 -11.83
N THR B 120 7.70 -5.63 -10.79
CA THR B 120 8.75 -6.55 -10.36
C THR B 120 8.70 -7.89 -11.08
N GLY B 121 7.67 -8.13 -11.89
CA GLY B 121 7.50 -9.43 -12.50
C GLY B 121 6.95 -10.50 -11.59
N ALA B 122 6.50 -10.15 -10.38
CA ALA B 122 5.71 -11.06 -9.57
C ALA B 122 4.31 -11.17 -10.17
N ASP B 123 4.23 -11.58 -11.43
CA ASP B 123 2.95 -11.58 -12.14
C ASP B 123 1.95 -12.50 -11.45
N GLN B 124 2.40 -13.67 -10.98
CA GLN B 124 1.50 -14.56 -10.26
C GLN B 124 0.91 -13.87 -9.03
N ALA B 125 1.77 -13.21 -8.26
CA ALA B 125 1.32 -12.40 -7.13
C ALA B 125 0.45 -11.24 -7.59
N SER B 126 0.85 -10.55 -8.65
CA SER B 126 0.09 -9.40 -9.11
C SER B 126 -1.33 -9.80 -9.49
N ILE B 127 -1.47 -10.86 -10.27
CA ILE B 127 -2.78 -11.34 -10.72
C ILE B 127 -3.59 -11.87 -9.55
N THR B 128 -2.96 -12.64 -8.66
CA THR B 128 -3.63 -13.09 -7.45
C THR B 128 -4.19 -11.91 -6.66
N ALA B 129 -3.38 -10.87 -6.48
CA ALA B 129 -3.81 -9.68 -5.77
C ALA B 129 -4.94 -8.97 -6.50
N ARG B 130 -4.80 -8.81 -7.82
CA ARG B 130 -5.82 -8.10 -8.59
C ARG B 130 -7.17 -8.80 -8.50
N ASN B 131 -7.19 -10.12 -8.68
CA ASN B 131 -8.44 -10.85 -8.52
C ASN B 131 -8.91 -10.88 -7.07
N HIS B 132 -8.00 -10.92 -6.10
CA HIS B 132 -8.39 -10.76 -4.71
C HIS B 132 -9.10 -9.42 -4.49
N ILE B 133 -8.53 -8.35 -5.04
CA ILE B 133 -9.16 -7.03 -4.98
C ILE B 133 -10.53 -7.05 -5.64
N GLN B 134 -10.64 -7.67 -6.81
CA GLN B 134 -11.95 -7.76 -7.46
C GLN B 134 -12.96 -8.50 -6.59
N LEU B 135 -12.57 -9.65 -6.05
CA LEU B 135 -13.42 -10.41 -5.14
C LEU B 135 -13.85 -9.57 -3.94
N VAL B 136 -12.89 -8.90 -3.31
CA VAL B 136 -13.18 -8.09 -2.13
C VAL B 136 -14.10 -6.93 -2.48
N LYS B 137 -13.78 -6.22 -3.56
CA LYS B 137 -14.59 -5.08 -3.99
C LYS B 137 -16.01 -5.51 -4.34
N LEU B 138 -16.16 -6.64 -5.03
CA LEU B 138 -17.49 -7.16 -5.30
C LEU B 138 -18.22 -7.52 -4.01
N GLN B 139 -17.57 -8.24 -3.11
CA GLN B 139 -18.22 -8.63 -1.86
C GLN B 139 -18.61 -7.43 -1.02
N VAL B 140 -17.72 -6.44 -0.95
CA VAL B 140 -18.02 -5.16 -0.33
C VAL B 140 -19.22 -4.51 -1.00
N GLU B 141 -19.19 -4.33 -2.32
CA GLU B 141 -20.33 -3.74 -2.99
C GLU B 141 -21.58 -4.60 -2.92
N GLU B 142 -21.46 -5.89 -2.62
CA GLU B 142 -22.63 -6.73 -2.33
C GLU B 142 -23.27 -6.36 -1.00
N VAL B 143 -22.45 -6.24 0.04
CA VAL B 143 -22.99 -5.80 1.31
C VAL B 143 -23.40 -4.33 1.21
N HIS B 144 -22.72 -3.56 0.37
CA HIS B 144 -23.08 -2.17 0.13
C HIS B 144 -24.40 -2.07 -0.63
N GLN B 145 -24.62 -2.97 -1.59
CA GLN B 145 -25.91 -3.05 -2.26
C GLN B 145 -27.02 -3.37 -1.27
N LEU B 146 -26.79 -4.34 -0.38
CA LEU B 146 -27.75 -4.58 0.69
C LEU B 146 -27.95 -3.33 1.54
N SER B 147 -26.87 -2.62 1.84
CA SER B 147 -26.95 -1.38 2.61
C SER B 147 -27.73 -0.30 1.87
N ARG B 148 -27.55 -0.23 0.56
CA ARG B 148 -28.25 0.75 -0.27
C ARG B 148 -29.72 0.40 -0.45
N LYS B 149 -30.04 -0.89 -0.51
CA LYS B 149 -31.43 -1.32 -0.37
C LYS B 149 -32.01 -0.88 0.96
N ALA B 150 -31.29 -1.14 2.05
CA ALA B 150 -31.76 -0.73 3.37
C ALA B 150 -31.94 0.78 3.46
N GLU B 151 -31.01 1.54 2.89
CA GLU B 151 -31.11 2.99 2.84
C GLU B 151 -32.30 3.45 2.00
N THR B 152 -32.54 2.78 0.88
CA THR B 152 -33.73 3.06 0.08
C THR B 152 -35.00 2.79 0.87
N LYS B 153 -35.03 1.69 1.61
CA LYS B 153 -36.21 1.32 2.38
C LYS B 153 -36.41 2.24 3.58
N LEU B 154 -35.33 2.70 4.19
CA LEU B 154 -35.42 3.73 5.22
C LEU B 154 -35.93 5.04 4.67
N ALA B 155 -35.41 5.46 3.51
CA ALA B 155 -35.95 6.64 2.84
C ALA B 155 -37.43 6.48 2.54
N GLU B 156 -37.83 5.34 1.98
CA GLU B 156 -39.23 5.07 1.70
C GLU B 156 -40.09 5.13 2.96
N ALA B 157 -39.62 4.51 4.05
CA ALA B 157 -40.36 4.55 5.31
C ALA B 157 -40.48 5.96 5.86
N GLN B 158 -39.41 6.76 5.77
CA GLN B 158 -39.48 8.15 6.20
C GLN B 158 -40.42 8.96 5.31
N ILE B 159 -40.38 8.73 4.00
CA ILE B 159 -41.26 9.42 3.07
C ILE B 159 -42.72 9.10 3.38
N GLU B 160 -43.03 7.82 3.56
CA GLU B 160 -44.41 7.43 3.90
C GLU B 160 -44.82 7.90 5.28
N GLU B 161 -43.90 7.89 6.25
CA GLU B 161 -44.18 8.52 7.55
C GLU B 161 -44.55 9.99 7.40
N LEU B 162 -43.80 10.73 6.58
CA LEU B 162 -44.13 12.13 6.33
C LEU B 162 -45.46 12.29 5.61
N ARG B 163 -45.72 11.47 4.60
CA ARG B 163 -47.04 11.46 3.95
C ARG B 163 -48.15 11.25 4.96
N GLN B 164 -48.05 10.20 5.78
CA GLN B 164 -49.10 9.88 6.73
C GLN B 164 -49.27 10.96 7.78
N LYS B 165 -48.17 11.49 8.33
CA LYS B 165 -48.26 12.57 9.29
C LYS B 165 -48.91 13.81 8.68
N THR B 166 -48.42 14.24 7.52
CA THR B 166 -48.95 15.45 6.89
C THR B 166 -50.40 15.30 6.46
N GLN B 167 -50.83 14.11 6.07
CA GLN B 167 -52.23 13.88 5.74
C GLN B 167 -53.10 13.85 7.01
N GLU B 168 -52.76 12.97 7.95
CA GLU B 168 -53.63 12.77 9.10
C GLU B 168 -53.70 14.03 9.94
N GLU B 169 -52.55 14.63 10.26
CA GLU B 169 -52.54 15.91 10.97
C GLU B 169 -53.09 17.06 10.13
N GLY B 170 -53.02 17.01 8.80
CA GLY B 170 -53.61 18.09 8.02
C GLY B 170 -55.13 18.07 8.06
N GLU B 171 -55.71 16.88 7.90
CA GLU B 171 -57.16 16.74 8.06
C GLU B 171 -57.61 17.00 9.49
N GLU B 172 -56.88 16.51 10.49
CA GLU B 172 -57.19 16.85 11.87
C GLU B 172 -57.03 18.35 12.16
N ARG B 173 -56.09 19.03 11.50
CA ARG B 173 -55.97 20.48 11.64
C ARG B 173 -57.14 21.20 10.99
N ALA B 174 -57.57 20.75 9.81
CA ALA B 174 -58.77 21.31 9.19
C ALA B 174 -60.00 21.14 10.08
N GLU B 175 -60.17 19.95 10.67
CA GLU B 175 -61.22 19.74 11.66
C GLU B 175 -61.03 20.61 12.90
N SER B 176 -59.79 20.83 13.33
CA SER B 176 -59.54 21.68 14.49
C SER B 176 -59.90 23.14 14.21
N GLU B 177 -59.60 23.62 12.99
CA GLU B 177 -60.07 24.93 12.56
C GLU B 177 -61.59 25.01 12.53
N GLN B 178 -62.24 23.98 11.98
CA GLN B 178 -63.70 23.97 11.96
C GLN B 178 -64.30 23.94 13.35
N GLU B 179 -63.69 23.19 14.27
CA GLU B 179 -64.17 23.16 15.66
C GLU B 179 -63.88 24.45 16.41
N ALA B 180 -62.76 25.11 16.13
CA ALA B 180 -62.51 26.42 16.72
C ALA B 180 -63.49 27.47 16.18
N TYR B 181 -63.91 27.33 14.93
CA TYR B 181 -64.87 28.27 14.37
C TYR B 181 -66.27 28.11 14.96
N LEU B 182 -66.52 27.03 15.70
CA LEU B 182 -67.85 26.78 16.26
C LEU B 182 -68.22 27.76 17.36
N ARG B 183 -67.26 28.45 17.95
CA ARG B 183 -67.46 29.15 19.21
C ARG B 183 -67.01 30.60 19.12
N GLU B 184 -67.80 31.48 19.72
CA GLU B 184 -67.51 32.91 19.83
C GLU B 184 -67.41 33.64 18.50
N ASP B 185 -67.02 32.96 17.43
CA ASP B 185 -66.90 33.59 16.13
C ASP B 185 -68.27 33.80 15.49
N UNK C 1 50.24 12.15 -3.95
CA UNK C 1 50.13 11.15 -2.89
C UNK C 1 48.78 11.25 -2.21
N UNK C 2 48.56 12.36 -1.50
CA UNK C 2 47.47 12.42 -0.53
C UNK C 2 46.12 12.19 -1.18
N UNK C 3 45.97 12.58 -2.45
CA UNK C 3 44.74 12.32 -3.18
C UNK C 3 44.45 10.82 -3.27
N UNK C 4 45.49 10.01 -3.50
CA UNK C 4 45.30 8.56 -3.52
C UNK C 4 45.04 8.01 -2.13
N UNK C 5 45.82 8.45 -1.14
CA UNK C 5 45.63 7.97 0.23
C UNK C 5 44.19 8.23 0.70
N UNK C 6 43.72 9.46 0.50
CA UNK C 6 42.35 9.83 0.86
C UNK C 6 41.31 9.06 0.03
N UNK C 7 41.53 8.90 -1.28
CA UNK C 7 40.58 8.12 -2.08
C UNK C 7 40.47 6.69 -1.58
N UNK C 8 41.62 6.05 -1.31
CA UNK C 8 41.62 4.69 -0.79
C UNK C 8 40.95 4.59 0.59
N UNK C 9 41.25 5.53 1.47
CA UNK C 9 40.59 5.56 2.77
C UNK C 9 39.07 5.72 2.61
N UNK C 10 38.64 6.71 1.84
CA UNK C 10 37.21 6.98 1.70
C UNK C 10 36.49 5.80 1.07
N UNK C 11 37.10 5.19 0.05
CA UNK C 11 36.53 3.98 -0.54
C UNK C 11 36.38 2.87 0.49
N UNK C 12 37.46 2.52 1.18
CA UNK C 12 37.39 1.46 2.20
C UNK C 12 36.31 1.76 3.23
N UNK C 13 36.31 2.99 3.76
CA UNK C 13 35.30 3.39 4.75
C UNK C 13 33.89 3.24 4.20
N UNK C 14 33.65 3.76 3.00
CA UNK C 14 32.31 3.70 2.41
C UNK C 14 31.86 2.26 2.19
N UNK C 15 32.76 1.41 1.71
CA UNK C 15 32.42 0.00 1.53
C UNK C 15 32.09 -0.65 2.86
N UNK C 16 32.98 -0.53 3.85
CA UNK C 16 32.75 -1.10 5.17
C UNK C 16 31.43 -0.64 5.77
N UNK C 17 31.15 0.66 5.69
CA UNK C 17 29.89 1.20 6.16
C UNK C 17 28.70 0.63 5.41
N UNK C 18 28.75 0.61 4.08
CA UNK C 18 27.63 0.08 3.32
C UNK C 18 27.39 -1.39 3.68
N UNK C 19 28.47 -2.16 3.76
CA UNK C 19 28.37 -3.56 4.18
C UNK C 19 27.68 -3.71 5.52
N UNK C 20 28.17 -2.98 6.54
CA UNK C 20 27.57 -3.08 7.86
C UNK C 20 26.12 -2.62 7.87
N UNK C 21 25.83 -1.50 7.20
CA UNK C 21 24.46 -1.00 7.12
C UNK C 21 23.53 -2.03 6.49
N UNK C 22 23.94 -2.62 5.37
CA UNK C 22 23.14 -3.65 4.72
C UNK C 22 22.96 -4.87 5.60
N UNK C 23 24.03 -5.32 6.25
CA UNK C 23 23.94 -6.47 7.14
C UNK C 23 22.98 -6.21 8.29
N UNK C 24 23.08 -5.04 8.92
CA UNK C 24 22.17 -4.68 9.99
C UNK C 24 20.74 -4.54 9.49
N UNK C 25 20.56 -4.04 8.26
CA UNK C 25 19.22 -4.00 7.67
C UNK C 25 18.67 -5.40 7.46
N UNK C 26 19.48 -6.31 6.93
CA UNK C 26 19.03 -7.69 6.73
C UNK C 26 18.67 -8.35 8.05
N UNK C 27 19.51 -8.17 9.07
CA UNK C 27 19.18 -8.59 10.42
C UNK C 27 17.84 -8.02 10.89
N UNK C 28 17.63 -6.72 10.70
CA UNK C 28 16.38 -6.10 11.10
C UNK C 28 15.20 -6.65 10.32
N UNK C 29 15.37 -6.95 9.04
CA UNK C 29 14.30 -7.59 8.27
C UNK C 29 14.03 -9.01 8.73
N UNK C 30 15.07 -9.76 9.10
CA UNK C 30 14.88 -11.02 9.82
C UNK C 30 14.05 -10.84 11.08
N UNK C 31 14.32 -9.77 11.83
CA UNK C 31 13.56 -9.49 13.03
C UNK C 31 12.12 -9.12 12.73
N UNK C 32 11.92 -8.29 11.71
CA UNK C 32 10.58 -8.01 11.21
C UNK C 32 9.84 -9.28 10.80
N UNK C 33 10.54 -10.20 10.13
CA UNK C 33 9.90 -11.44 9.71
C UNK C 33 9.56 -12.35 10.89
N UNK C 34 10.38 -12.35 11.94
CA UNK C 34 9.97 -13.04 13.16
C UNK C 34 8.82 -12.34 13.87
N UNK C 35 8.80 -11.01 13.86
CA UNK C 35 7.64 -10.28 14.35
C UNK C 35 6.39 -10.58 13.54
N UNK C 36 6.54 -10.85 12.24
CA UNK C 36 5.41 -11.29 11.42
C UNK C 36 4.97 -12.71 11.74
N UNK C 37 5.91 -13.58 12.09
CA UNK C 37 5.55 -14.88 12.63
C UNK C 37 4.77 -14.74 13.94
N UNK C 38 5.25 -13.89 14.85
CA UNK C 38 4.52 -13.63 16.09
C UNK C 38 3.13 -13.08 15.81
N UNK C 39 3.05 -12.11 14.91
CA UNK C 39 1.78 -11.54 14.45
C UNK C 39 0.83 -12.61 13.93
N UNK C 40 1.34 -13.54 13.14
CA UNK C 40 0.53 -14.67 12.70
C UNK C 40 0.04 -15.49 13.88
N UNK C 41 0.95 -15.88 14.78
CA UNK C 41 0.54 -16.68 15.92
C UNK C 41 -0.59 -15.97 16.66
N UNK C 42 -0.34 -14.74 17.07
CA UNK C 42 -1.27 -13.86 17.76
C UNK C 42 -2.62 -13.81 17.05
N UNK C 43 -2.63 -13.34 15.81
CA UNK C 43 -3.89 -13.04 15.13
C UNK C 43 -4.62 -14.31 14.74
N UNK C 44 -3.92 -15.34 14.26
CA UNK C 44 -4.58 -16.60 13.99
C UNK C 44 -5.19 -17.19 15.27
N UNK C 45 -4.56 -16.98 16.42
CA UNK C 45 -5.12 -17.45 17.68
C UNK C 45 -6.34 -16.64 18.09
N UNK C 46 -6.27 -15.32 17.93
CA UNK C 46 -7.45 -14.49 18.15
C UNK C 46 -8.58 -14.84 17.21
N UNK C 47 -8.27 -15.10 15.95
CA UNK C 47 -9.29 -15.50 14.99
C UNK C 47 -9.89 -16.85 15.32
N UNK C 48 -9.08 -17.79 15.82
CA UNK C 48 -9.64 -19.04 16.33
C UNK C 48 -10.54 -18.80 17.55
N UNK C 49 -10.15 -17.91 18.45
CA UNK C 49 -11.04 -17.48 19.52
C UNK C 49 -12.30 -16.81 19.00
N UNK C 50 -12.23 -16.17 17.84
CA UNK C 50 -13.42 -15.54 17.26
C UNK C 50 -14.30 -16.56 16.57
N UNK C 51 -13.72 -17.59 15.97
CA UNK C 51 -14.49 -18.72 15.49
C UNK C 51 -15.23 -19.39 16.64
N UNK C 52 -14.52 -19.68 17.72
CA UNK C 52 -15.14 -20.21 18.93
C UNK C 52 -16.28 -19.33 19.43
N UNK C 53 -16.05 -18.02 19.51
CA UNK C 53 -17.12 -17.10 19.93
C UNK C 53 -18.31 -17.11 18.97
N UNK C 54 -18.05 -17.16 17.66
CA UNK C 54 -19.15 -17.13 16.70
C UNK C 54 -19.93 -18.44 16.70
N UNK C 55 -19.27 -19.56 16.94
CA UNK C 55 -19.98 -20.81 17.17
C UNK C 55 -20.77 -20.77 18.48
N UNK C 56 -20.25 -20.09 19.50
CA UNK C 56 -21.00 -19.94 20.74
C UNK C 56 -22.15 -18.95 20.57
N UNK C 57 -21.99 -17.95 19.73
CA UNK C 57 -23.01 -16.94 19.53
C UNK C 57 -24.29 -17.54 18.96
N UNK D 1 -54.26 -13.77 3.07
CA UNK D 1 -53.02 -14.47 2.85
C UNK D 1 -52.01 -13.58 2.15
N UNK D 2 -52.27 -13.25 0.88
CA UNK D 2 -51.23 -12.69 0.03
C UNK D 2 -50.60 -11.44 0.65
N UNK D 3 -51.41 -10.63 1.33
CA UNK D 3 -50.88 -9.47 2.02
C UNK D 3 -49.87 -9.88 3.09
N UNK D 4 -50.25 -10.82 3.94
CA UNK D 4 -49.32 -11.39 4.91
C UNK D 4 -48.21 -12.19 4.23
N UNK D 5 -48.52 -12.85 3.12
CA UNK D 5 -47.48 -13.53 2.35
C UNK D 5 -46.38 -12.58 1.90
N UNK D 6 -46.73 -11.35 1.58
CA UNK D 6 -45.71 -10.35 1.25
C UNK D 6 -44.74 -10.10 2.40
N UNK D 7 -45.29 -9.92 3.62
CA UNK D 7 -44.44 -9.77 4.79
C UNK D 7 -43.64 -11.03 5.09
N UNK D 8 -44.23 -12.20 4.87
CA UNK D 8 -43.50 -13.45 5.05
C UNK D 8 -42.37 -13.61 4.03
N UNK D 9 -42.58 -13.17 2.80
CA UNK D 9 -41.51 -13.16 1.80
C UNK D 9 -40.40 -12.17 2.16
N UNK D 10 -40.77 -10.97 2.62
CA UNK D 10 -39.78 -10.05 3.15
C UNK D 10 -38.98 -10.66 4.30
N UNK D 11 -39.66 -11.35 5.22
CA UNK D 11 -38.98 -12.05 6.30
C UNK D 11 -38.06 -13.13 5.78
N UNK D 12 -38.54 -13.96 4.86
CA UNK D 12 -37.71 -14.99 4.24
C UNK D 12 -36.45 -14.40 3.64
N UNK D 13 -36.60 -13.35 2.83
CA UNK D 13 -35.45 -12.68 2.23
C UNK D 13 -34.51 -12.09 3.28
N UNK D 14 -35.06 -11.54 4.36
CA UNK D 14 -34.23 -10.98 5.42
C UNK D 14 -33.43 -12.05 6.15
N UNK D 15 -34.08 -13.17 6.50
CA UNK D 15 -33.38 -14.27 7.16
C UNK D 15 -32.37 -14.93 6.23
N UNK D 16 -32.74 -15.13 4.96
CA UNK D 16 -31.78 -15.61 3.97
C UNK D 16 -30.57 -14.70 3.88
N UNK D 17 -30.80 -13.39 3.79
CA UNK D 17 -29.69 -12.45 3.80
C UNK D 17 -28.83 -12.57 5.05
N UNK D 18 -29.45 -12.59 6.22
CA UNK D 18 -28.71 -12.72 7.48
C UNK D 18 -27.88 -14.00 7.52
N UNK D 19 -28.44 -15.11 7.07
CA UNK D 19 -27.71 -16.38 7.05
C UNK D 19 -26.59 -16.36 6.02
N UNK D 20 -26.86 -15.95 4.79
CA UNK D 20 -25.83 -15.89 3.77
C UNK D 20 -24.72 -14.94 4.16
N UNK D 21 -25.06 -13.83 4.83
CA UNK D 21 -24.07 -12.93 5.39
C UNK D 21 -23.22 -13.62 6.45
N UNK D 22 -23.85 -14.22 7.46
CA UNK D 22 -23.08 -14.86 8.51
C UNK D 22 -22.19 -15.97 7.95
N UNK D 23 -22.74 -16.77 7.04
CA UNK D 23 -21.97 -17.79 6.35
C UNK D 23 -20.77 -17.20 5.64
N UNK D 24 -20.99 -16.22 4.77
CA UNK D 24 -19.89 -15.61 4.03
C UNK D 24 -18.86 -15.03 4.98
N UNK D 25 -19.30 -14.27 5.97
CA UNK D 25 -18.38 -13.56 6.86
C UNK D 25 -17.55 -14.54 7.68
N UNK D 26 -18.16 -15.60 8.20
CA UNK D 26 -17.40 -16.63 8.91
C UNK D 26 -16.46 -17.38 7.97
N UNK D 27 -16.91 -17.69 6.75
CA UNK D 27 -16.04 -18.36 5.80
C UNK D 27 -14.84 -17.50 5.45
N UNK D 28 -15.09 -16.22 5.17
CA UNK D 28 -14.02 -15.26 4.92
C UNK D 28 -13.10 -15.12 6.14
N UNK D 29 -13.66 -15.17 7.35
CA UNK D 29 -12.82 -15.14 8.55
C UNK D 29 -11.91 -16.36 8.62
N UNK D 30 -12.46 -17.54 8.38
CA UNK D 30 -11.64 -18.76 8.36
C UNK D 30 -10.61 -18.72 7.23
N UNK D 31 -11.00 -18.22 6.06
CA UNK D 31 -10.06 -18.07 4.96
C UNK D 31 -9.00 -17.01 5.23
N UNK D 32 -9.34 -15.96 5.97
CA UNK D 32 -8.32 -15.01 6.43
C UNK D 32 -7.40 -15.63 7.48
N UNK D 33 -7.91 -16.53 8.30
CA UNK D 33 -7.03 -17.31 9.17
C UNK D 33 -6.07 -18.18 8.35
N UNK D 34 -6.61 -18.88 7.36
CA UNK D 34 -5.75 -19.70 6.51
C UNK D 34 -4.75 -18.85 5.75
N UNK D 35 -5.19 -17.69 5.25
CA UNK D 35 -4.29 -16.74 4.61
C UNK D 35 -3.22 -16.23 5.57
N UNK D 36 -3.57 -16.04 6.84
CA UNK D 36 -2.59 -15.63 7.82
C UNK D 36 -1.59 -16.74 8.13
N UNK D 37 -2.04 -17.99 8.13
CA UNK D 37 -1.10 -19.11 8.17
C UNK D 37 -0.21 -19.16 6.93
N UNK D 38 -0.78 -18.85 5.76
CA UNK D 38 0.04 -18.72 4.55
C UNK D 38 1.04 -17.58 4.66
N UNK D 39 0.61 -16.45 5.21
CA UNK D 39 1.52 -15.35 5.54
C UNK D 39 2.62 -15.78 6.50
N UNK D 40 2.30 -16.61 7.49
CA UNK D 40 3.34 -17.12 8.36
C UNK D 40 4.29 -18.05 7.61
N UNK D 41 3.76 -18.84 6.68
CA UNK D 41 4.62 -19.67 5.84
C UNK D 41 5.55 -18.82 4.98
N UNK D 42 5.01 -17.77 4.37
CA UNK D 42 5.81 -16.81 3.62
C UNK D 42 6.85 -16.12 4.49
N UNK D 43 6.47 -15.71 5.70
CA UNK D 43 7.45 -15.23 6.67
C UNK D 43 8.52 -16.27 6.95
N UNK D 44 8.15 -17.54 6.97
CA UNK D 44 9.10 -18.59 7.31
C UNK D 44 10.11 -18.77 6.18
N UNK D 45 9.60 -18.89 4.97
CA UNK D 45 10.45 -18.96 3.78
C UNK D 45 11.34 -17.73 3.65
N UNK D 46 10.75 -16.54 3.77
CA UNK D 46 11.54 -15.31 3.77
C UNK D 46 12.64 -15.33 4.82
N UNK D 47 12.30 -15.63 6.07
CA UNK D 47 13.28 -15.57 7.14
C UNK D 47 14.39 -16.59 6.95
N UNK D 48 14.04 -17.80 6.50
CA UNK D 48 15.06 -18.77 6.12
C UNK D 48 15.95 -18.26 5.00
N UNK D 49 15.34 -17.66 3.97
CA UNK D 49 16.11 -17.10 2.87
C UNK D 49 17.03 -15.97 3.32
N UNK D 50 16.58 -15.17 4.28
CA UNK D 50 17.42 -14.12 4.85
C UNK D 50 18.54 -14.69 5.72
N UNK D 51 18.27 -15.74 6.47
CA UNK D 51 19.35 -16.38 7.23
C UNK D 51 20.37 -17.02 6.29
N UNK D 52 19.90 -17.68 5.23
CA UNK D 52 20.79 -18.17 4.19
C UNK D 52 21.62 -17.05 3.57
N UNK D 53 21.01 -15.89 3.31
CA UNK D 53 21.78 -14.76 2.79
C UNK D 53 22.79 -14.23 3.79
N UNK D 54 22.41 -14.19 5.07
CA UNK D 54 23.33 -13.77 6.12
C UNK D 54 24.53 -14.69 6.21
N UNK D 55 24.31 -16.00 6.12
CA UNK D 55 25.43 -16.92 6.05
C UNK D 55 26.22 -16.71 4.77
N UNK D 56 25.54 -16.52 3.64
CA UNK D 56 26.24 -16.31 2.38
C UNK D 56 27.04 -15.02 2.40
N UNK D 57 26.63 -14.05 3.23
CA UNK D 57 27.39 -12.82 3.41
C UNK D 57 28.75 -13.11 4.03
#